data_2RI0
#
_entry.id   2RI0
#
_cell.length_a   54.000
_cell.length_b   82.170
_cell.length_c   134.910
_cell.angle_alpha   90.00
_cell.angle_beta   90.00
_cell.angle_gamma   90.00
#
_symmetry.space_group_name_H-M   'P 21 21 21'
#
loop_
_entity.id
_entity.type
_entity.pdbx_description
1 polymer 'Glucosamine-6-phosphate deaminase'
2 non-polymer 2-[BIS-(2-HYDROXY-ETHYL)-AMINO]-2-HYDROXYMETHYL-PROPANE-1,3-DIOL
3 non-polymer 'SODIUM ION'
4 water water
#
_entity_poly.entity_id   1
_entity_poly.type   'polypeptide(L)'
_entity_poly.pdbx_seq_one_letter_code
;SMKTIKVKNKTEGSKVAFRMLEEEITFGAKTLGLATGSTPLELYKEIRESHLDFSDMVSINLDEYVGLSADDKQSYAYFM
KQNLFAAKPFKKSYLPNGLAADLAKETEYYDQILAQYPIDLQILGIGRNAHIGFNEPGTAFSSQTHLVDLTPSTIAANSR
FFEKAEDVPKQAISMGLASIMSAKMILLMAFGEEKAEAVAAMVKGPVTEEIPASILQTHPKVILIVDEKAGAGI
;
_entity_poly.pdbx_strand_id   A,B
#
loop_
_chem_comp.id
_chem_comp.type
_chem_comp.name
_chem_comp.formula
BTB non-polymer 2-[BIS-(2-HYDROXY-ETHYL)-AMINO]-2-HYDROXYMETHYL-PROPANE-1,3-DIOL 'C8 H19 N O5'
NA non-polymer 'SODIUM ION' 'Na 1'
#
# COMPACT_ATOMS: atom_id res chain seq x y z
N SER A 1 -2.98 -3.89 35.67
CA SER A 1 -3.26 -2.67 36.46
C SER A 1 -4.03 -1.65 35.62
N MET A 2 -5.21 -1.26 36.13
CA MET A 2 -5.99 -0.15 35.56
C MET A 2 -6.30 0.90 36.64
N LYS A 3 -5.68 2.06 36.50
CA LYS A 3 -6.01 3.20 37.34
C LYS A 3 -7.16 3.94 36.68
N THR A 4 -7.99 4.58 37.49
CA THR A 4 -9.10 5.36 37.00
C THR A 4 -8.95 6.78 37.54
N ILE A 5 -8.99 7.74 36.62
CA ILE A 5 -9.03 9.16 36.97
C ILE A 5 -10.42 9.68 36.60
N LYS A 6 -11.22 10.01 37.61
CA LYS A 6 -12.56 10.55 37.39
C LYS A 6 -12.50 12.06 37.27
N VAL A 7 -13.08 12.60 36.20
CA VAL A 7 -13.08 14.04 35.93
C VAL A 7 -14.50 14.60 35.76
N LYS A 8 -14.65 15.92 35.79
CA LYS A 8 -15.96 16.55 35.69
C LYS A 8 -16.56 16.38 34.29
N ASN A 9 -15.73 16.56 33.27
CA ASN A 9 -16.23 16.62 31.91
C ASN A 9 -15.14 16.37 30.91
N LYS A 10 -15.49 16.40 29.64
CA LYS A 10 -14.54 16.10 28.56
C LYS A 10 -13.38 17.11 28.50
N THR A 11 -13.70 18.38 28.76
CA THR A 11 -12.66 19.40 28.77
C THR A 11 -11.58 19.09 29.81
N GLU A 12 -12.02 18.81 31.04
CA GLU A 12 -11.09 18.48 32.12
C GLU A 12 -10.31 17.21 31.84
N GLY A 13 -10.99 16.18 31.32
CA GLY A 13 -10.34 14.91 31.03
C GLY A 13 -9.32 15.07 29.92
N SER A 14 -9.62 15.94 28.95
CA SER A 14 -8.69 16.19 27.85
C SER A 14 -7.43 16.89 28.36
N LYS A 15 -7.59 17.77 29.35
CA LYS A 15 -6.46 18.49 29.92
C LYS A 15 -5.59 17.53 30.71
N VAL A 16 -6.22 16.65 31.48
CA VAL A 16 -5.46 15.60 32.19
C VAL A 16 -4.68 14.72 31.17
N ALA A 17 -5.35 14.32 30.10
CA ALA A 17 -4.68 13.51 29.05
C ALA A 17 -3.47 14.25 28.51
N PHE A 18 -3.63 15.55 28.24
CA PHE A 18 -2.52 16.34 27.73
C PHE A 18 -1.34 16.34 28.67
N ARG A 19 -1.59 16.58 29.96
CA ARG A 19 -0.51 16.61 30.95
C ARG A 19 0.21 15.26 31.04
N MET A 20 -0.57 14.18 30.95
CA MET A 20 -0.01 12.83 31.01
C MET A 20 0.83 12.56 29.76
N LEU A 21 0.33 13.00 28.61
CA LEU A 21 1.06 12.88 27.36
C LEU A 21 2.42 13.61 27.45
N GLU A 22 2.39 14.86 27.91
CA GLU A 22 3.62 15.63 28.02
C GLU A 22 4.64 14.93 28.91
N GLU A 23 4.18 14.37 30.03
CA GLU A 23 5.06 13.67 30.97
CA GLU A 23 5.09 13.69 30.94
C GLU A 23 5.68 12.42 30.31
N GLU A 24 4.88 11.67 29.55
CA GLU A 24 5.45 10.50 28.90
C GLU A 24 6.55 10.89 27.92
N ILE A 25 6.32 11.97 27.17
CA ILE A 25 7.35 12.47 26.25
C ILE A 25 8.60 12.89 27.01
N THR A 26 8.42 13.61 28.11
CA THR A 26 9.57 14.06 28.88
CA THR A 26 9.53 14.07 28.94
C THR A 26 10.39 12.89 29.39
N PHE A 27 9.71 11.78 29.73
CA PHE A 27 10.37 10.58 30.23
C PHE A 27 10.78 9.58 29.14
N GLY A 28 10.68 10.01 27.90
CA GLY A 28 11.35 9.31 26.82
C GLY A 28 10.49 8.67 25.77
N ALA A 29 9.16 8.83 25.85
CA ALA A 29 8.27 8.24 24.83
C ALA A 29 8.62 8.75 23.45
N LYS A 30 8.66 7.83 22.50
CA LYS A 30 9.05 8.19 21.15
C LYS A 30 8.03 7.78 20.09
N THR A 31 7.16 6.82 20.39
CA THR A 31 6.18 6.37 19.42
C THR A 31 4.80 6.41 20.08
N LEU A 32 3.91 7.17 19.44
CA LEU A 32 2.55 7.35 19.95
C LEU A 32 1.54 6.64 19.08
N GLY A 33 0.62 5.94 19.74
CA GLY A 33 -0.57 5.42 19.07
C GLY A 33 -1.73 6.42 19.24
N LEU A 34 -2.38 6.76 18.12
CA LEU A 34 -3.38 7.86 18.13
C LEU A 34 -4.76 7.36 17.86
N ALA A 35 -5.73 8.22 18.16
CA ALA A 35 -7.14 7.87 18.07
C ALA A 35 -7.86 8.78 17.10
N THR A 36 -8.99 8.31 16.60
CA THR A 36 -9.85 9.16 15.79
C THR A 36 -11.20 9.33 16.50
N GLY A 37 -12.21 9.82 15.80
CA GLY A 37 -13.52 10.07 16.42
C GLY A 37 -13.54 11.37 17.22
N SER A 38 -14.64 11.58 17.94
CA SER A 38 -14.80 12.84 18.69
CA SER A 38 -14.86 12.81 18.71
C SER A 38 -14.03 12.84 20.01
N THR A 39 -13.78 11.64 20.57
CA THR A 39 -13.17 11.52 21.88
C THR A 39 -11.90 12.33 22.05
N PRO A 40 -10.92 12.21 21.11
CA PRO A 40 -9.65 12.96 21.32
C PRO A 40 -9.61 14.39 20.79
N LEU A 41 -10.74 14.91 20.30
CA LEU A 41 -10.69 16.22 19.62
C LEU A 41 -10.18 17.39 20.48
N GLU A 42 -10.59 17.47 21.74
CA GLU A 42 -10.14 18.59 22.58
C GLU A 42 -8.69 18.40 22.98
N LEU A 43 -8.28 17.14 23.17
CA LEU A 43 -6.88 16.83 23.40
C LEU A 43 -6.02 17.32 22.23
N TYR A 44 -6.45 17.00 21.01
CA TYR A 44 -5.68 17.39 19.83
C TYR A 44 -5.60 18.91 19.72
N LYS A 45 -6.71 19.59 20.04
CA LYS A 45 -6.70 21.06 20.01
C LYS A 45 -5.65 21.59 20.99
N GLU A 46 -5.62 21.01 22.19
CA GLU A 46 -4.66 21.45 23.19
C GLU A 46 -3.23 21.22 22.72
N ILE A 47 -2.99 20.10 22.04
CA ILE A 47 -1.67 19.79 21.51
C ILE A 47 -1.27 20.76 20.43
N ARG A 48 -2.20 21.06 19.53
CA ARG A 48 -1.93 22.01 18.44
C ARG A 48 -1.46 23.36 18.99
N GLU A 49 -2.05 23.75 20.12
CA GLU A 49 -1.78 25.06 20.75
C GLU A 49 -0.63 25.04 21.75
N SER A 50 0.01 23.87 21.90
CA SER A 50 1.02 23.66 22.93
C SER A 50 2.44 23.83 22.39
N HIS A 51 3.41 23.64 23.29
CA HIS A 51 4.82 23.66 22.90
CA HIS A 51 4.81 23.68 22.89
C HIS A 51 5.38 22.28 22.59
N LEU A 52 4.52 21.25 22.54
CA LEU A 52 5.03 19.91 22.24
C LEU A 52 5.65 19.89 20.84
N ASP A 53 6.65 19.03 20.69
CA ASP A 53 7.42 18.94 19.46
C ASP A 53 7.57 17.46 19.13
N PHE A 54 6.89 17.04 18.06
CA PHE A 54 6.92 15.64 17.65
C PHE A 54 7.96 15.32 16.57
N SER A 55 8.89 16.25 16.31
CA SER A 55 9.80 16.10 15.16
C SER A 55 10.75 14.91 15.21
N ASP A 56 10.97 14.34 16.38
CA ASP A 56 11.80 13.13 16.50
C ASP A 56 10.96 11.91 16.90
N MET A 57 9.65 12.03 16.68
CA MET A 57 8.73 10.99 17.14
C MET A 57 7.96 10.37 15.99
N VAL A 58 7.45 9.17 16.24
CA VAL A 58 6.64 8.46 15.26
C VAL A 58 5.22 8.32 15.79
N SER A 59 4.23 8.48 14.91
CA SER A 59 2.84 8.15 15.27
C SER A 59 2.32 6.99 14.44
N ILE A 60 1.40 6.25 15.03
CA ILE A 60 0.75 5.13 14.35
C ILE A 60 -0.72 5.25 14.66
N ASN A 61 -1.52 5.29 13.60
CA ASN A 61 -2.98 5.27 13.74
C ASN A 61 -3.57 3.88 13.60
N LEU A 62 -4.79 3.72 14.11
CA LEU A 62 -5.35 2.36 14.17
C LEU A 62 -5.90 1.89 12.84
N ASP A 63 -6.46 2.80 12.04
CA ASP A 63 -7.35 2.39 10.94
C ASP A 63 -7.24 3.26 9.69
N GLU A 64 -7.59 2.70 8.53
CA GLU A 64 -7.94 3.54 7.36
C GLU A 64 -9.02 2.84 6.56
N TYR A 65 -9.86 3.64 5.92
CA TYR A 65 -10.89 3.07 5.04
C TYR A 65 -10.28 2.50 3.78
N VAL A 66 -10.76 1.32 3.39
CA VAL A 66 -10.36 0.73 2.13
C VAL A 66 -10.96 1.52 0.97
N GLY A 67 -10.09 1.89 0.03
CA GLY A 67 -10.53 2.61 -1.15
C GLY A 67 -10.30 4.10 -1.16
N LEU A 68 -9.86 4.66 -0.03
CA LEU A 68 -9.62 6.12 0.05
C LEU A 68 -8.13 6.43 0.06
N SER A 69 -7.75 7.44 -0.71
CA SER A 69 -6.38 7.97 -0.66
C SER A 69 -6.21 8.80 0.62
N ALA A 70 -4.97 9.08 0.97
CA ALA A 70 -4.68 9.94 2.11
C ALA A 70 -5.21 11.36 1.93
N ASP A 71 -5.34 11.81 0.67
CA ASP A 71 -5.85 13.14 0.36
C ASP A 71 -7.38 13.26 0.38
N ASP A 72 -8.07 12.12 0.37
CA ASP A 72 -9.51 12.14 0.37
C ASP A 72 -10.01 12.73 1.68
N LYS A 73 -10.96 13.66 1.59
CA LYS A 73 -11.42 14.36 2.80
C LYS A 73 -12.14 13.48 3.81
N GLN A 74 -12.55 12.30 3.37
CA GLN A 74 -13.20 11.33 4.26
C GLN A 74 -12.23 10.35 4.91
N SER A 75 -10.94 10.45 4.54
CA SER A 75 -9.97 9.50 5.07
C SER A 75 -9.57 9.81 6.51
N TYR A 76 -9.06 8.79 7.20
CA TYR A 76 -8.52 9.06 8.54
C TYR A 76 -7.19 9.81 8.42
N ALA A 77 -6.43 9.59 7.34
CA ALA A 77 -5.21 10.37 7.11
C ALA A 77 -5.53 11.88 7.10
N TYR A 78 -6.59 12.25 6.39
CA TYR A 78 -6.96 13.66 6.29
C TYR A 78 -7.45 14.18 7.65
N PHE A 79 -8.26 13.37 8.34
CA PHE A 79 -8.71 13.74 9.67
C PHE A 79 -7.51 14.08 10.56
N MET A 80 -6.49 13.23 10.52
CA MET A 80 -5.32 13.41 11.37
C MET A 80 -4.51 14.65 10.95
N LYS A 81 -4.46 14.91 9.63
CA LYS A 81 -3.78 16.12 9.14
C LYS A 81 -4.48 17.36 9.71
N GLN A 82 -5.80 17.41 9.57
CA GLN A 82 -6.57 18.58 9.97
C GLN A 82 -6.50 18.82 11.47
N ASN A 83 -6.58 17.73 12.24
CA ASN A 83 -6.69 17.84 13.68
C ASN A 83 -5.39 17.86 14.44
N LEU A 84 -4.31 17.44 13.79
CA LEU A 84 -3.03 17.32 14.49
C LEU A 84 -1.79 17.58 13.64
N PHE A 85 -1.62 16.86 12.53
CA PHE A 85 -0.30 16.83 11.87
C PHE A 85 0.07 18.11 11.13
N ALA A 86 -0.93 18.82 10.62
CA ALA A 86 -0.63 20.11 9.98
C ALA A 86 0.07 21.08 10.95
N ALA A 87 -0.42 21.12 12.19
CA ALA A 87 0.15 21.99 13.22
C ALA A 87 1.36 21.39 13.91
N LYS A 88 1.33 20.08 14.15
CA LYS A 88 2.38 19.38 14.88
C LYS A 88 2.78 18.09 14.16
N PRO A 89 3.61 18.21 13.09
CA PRO A 89 4.02 17.01 12.36
C PRO A 89 5.01 16.13 13.13
N PHE A 90 4.92 14.83 12.87
CA PHE A 90 5.86 13.83 13.40
C PHE A 90 7.01 13.59 12.44
N LYS A 91 8.08 12.99 12.94
CA LYS A 91 9.15 12.51 12.04
C LYS A 91 8.53 11.61 10.96
N LYS A 92 7.65 10.71 11.39
CA LYS A 92 6.89 9.85 10.47
C LYS A 92 5.54 9.53 11.10
N SER A 93 4.49 9.60 10.29
CA SER A 93 3.14 9.22 10.76
C SER A 93 2.58 8.09 9.90
N TYR A 94 2.24 6.98 10.52
CA TYR A 94 1.76 5.82 9.77
C TYR A 94 0.25 5.68 9.90
N LEU A 95 -0.40 5.39 8.77
CA LEU A 95 -1.77 4.88 8.72
C LEU A 95 -1.76 3.81 7.66
N PRO A 96 -2.68 2.86 7.75
CA PRO A 96 -2.77 1.89 6.66
C PRO A 96 -3.05 2.52 5.31
N ASN A 97 -2.55 1.87 4.27
CA ASN A 97 -2.73 2.33 2.91
C ASN A 97 -4.04 1.81 2.38
N GLY A 98 -5.06 2.66 2.37
CA GLY A 98 -6.41 2.27 1.90
C GLY A 98 -6.45 1.84 0.45
N LEU A 99 -5.46 2.31 -0.32
CA LEU A 99 -5.35 1.99 -1.74
C LEU A 99 -4.46 0.77 -2.03
N ALA A 100 -4.10 0.00 -1.00
CA ALA A 100 -3.20 -1.14 -1.20
C ALA A 100 -3.74 -2.09 -2.25
N ALA A 101 -2.84 -2.53 -3.12
CA ALA A 101 -3.21 -3.45 -4.20
C ALA A 101 -3.57 -4.81 -3.66
N ASP A 102 -2.88 -5.22 -2.58
CA ASP A 102 -3.07 -6.54 -1.98
C ASP A 102 -3.33 -6.31 -0.50
N LEU A 103 -4.59 -6.43 -0.08
CA LEU A 103 -4.90 -6.11 1.32
C LEU A 103 -4.19 -7.00 2.33
N ALA A 104 -3.91 -8.24 1.93
CA ALA A 104 -3.18 -9.16 2.82
C ALA A 104 -1.73 -8.69 3.01
N LYS A 105 -1.12 -8.19 1.94
CA LYS A 105 0.25 -7.63 2.07
C LYS A 105 0.20 -6.40 2.98
N GLU A 106 -0.89 -5.65 2.91
CA GLU A 106 -0.96 -4.42 3.70
C GLU A 106 -1.12 -4.73 5.18
N THR A 107 -1.92 -5.74 5.50
CA THR A 107 -2.09 -6.08 6.93
C THR A 107 -0.77 -6.63 7.51
N GLU A 108 -0.05 -7.39 6.69
CA GLU A 108 1.25 -7.91 7.13
CA GLU A 108 1.26 -7.92 7.09
C GLU A 108 2.25 -6.77 7.31
N TYR A 109 2.27 -5.85 6.35
CA TYR A 109 3.11 -4.65 6.44
C TYR A 109 2.85 -3.90 7.76
N TYR A 110 1.57 -3.69 8.09
CA TYR A 110 1.26 -2.87 9.26
C TYR A 110 1.73 -3.57 10.53
N ASP A 111 1.53 -4.89 10.60
CA ASP A 111 2.06 -5.67 11.72
C ASP A 111 3.58 -5.48 11.83
N GLN A 112 4.29 -5.42 10.69
CA GLN A 112 5.72 -5.29 10.79
CA GLN A 112 5.75 -5.24 10.64
C GLN A 112 6.12 -3.87 11.22
N ILE A 113 5.33 -2.86 10.84
CA ILE A 113 5.57 -1.50 11.30
C ILE A 113 5.41 -1.43 12.84
N LEU A 114 4.40 -2.11 13.37
CA LEU A 114 4.19 -2.17 14.81
C LEU A 114 5.35 -2.87 15.55
N ALA A 115 5.91 -3.91 14.94
CA ALA A 115 7.10 -4.55 15.50
C ALA A 115 8.33 -3.63 15.44
N GLN A 116 8.44 -2.87 14.35
CA GLN A 116 9.58 -1.96 14.15
C GLN A 116 9.50 -0.75 15.08
N TYR A 117 8.27 -0.28 15.31
CA TYR A 117 8.01 0.89 16.15
C TYR A 117 7.00 0.55 17.24
N PRO A 118 7.40 -0.27 18.24
CA PRO A 118 6.46 -0.55 19.34
C PRO A 118 5.95 0.76 19.99
N ILE A 119 4.65 0.80 20.22
CA ILE A 119 4.02 2.02 20.76
C ILE A 119 4.28 2.20 22.26
N ASP A 120 4.72 3.41 22.63
CA ASP A 120 4.98 3.73 24.02
C ASP A 120 3.71 4.17 24.76
N LEU A 121 2.91 4.97 24.08
CA LEU A 121 1.65 5.43 24.65
C LEU A 121 0.60 5.41 23.56
N GLN A 122 -0.47 4.66 23.81
CA GLN A 122 -1.63 4.62 22.93
C GLN A 122 -2.78 5.42 23.52
N ILE A 123 -3.32 6.38 22.76
CA ILE A 123 -4.55 7.09 23.12
C ILE A 123 -5.74 6.32 22.54
N LEU A 124 -6.75 6.09 23.36
CA LEU A 124 -7.83 5.22 22.93
C LEU A 124 -9.15 5.77 23.42
N GLY A 125 -10.21 5.57 22.64
CA GLY A 125 -11.58 5.72 23.15
C GLY A 125 -12.28 4.38 23.24
N ILE A 126 -13.54 4.42 23.67
CA ILE A 126 -14.36 3.22 23.77
C ILE A 126 -15.71 3.44 23.09
N GLY A 127 -16.20 2.42 22.40
CA GLY A 127 -17.47 2.55 21.68
C GLY A 127 -18.66 2.41 22.60
N ARG A 128 -19.83 2.85 22.16
CA ARG A 128 -21.02 2.66 23.00
C ARG A 128 -21.26 1.20 23.32
N ASN A 129 -20.88 0.31 22.39
CA ASN A 129 -21.01 -1.13 22.58
C ASN A 129 -19.70 -1.80 23.03
N ALA A 130 -18.78 -0.98 23.55
CA ALA A 130 -17.47 -1.43 24.06
C ALA A 130 -16.50 -1.86 22.97
N HIS A 131 -16.77 -1.46 21.73
CA HIS A 131 -15.77 -1.66 20.72
C HIS A 131 -14.50 -0.85 20.99
N ILE A 132 -13.41 -1.33 20.46
CA ILE A 132 -12.12 -0.65 20.60
C ILE A 132 -11.59 -0.49 19.17
N GLY A 133 -11.41 0.74 18.71
CA GLY A 133 -11.03 0.93 17.28
C GLY A 133 -12.16 0.35 16.44
N PHE A 134 -11.84 -0.41 15.38
CA PHE A 134 -12.89 -1.00 14.55
C PHE A 134 -13.17 -2.44 14.97
N ASN A 135 -12.70 -2.82 16.16
CA ASN A 135 -12.88 -4.18 16.67
C ASN A 135 -14.18 -4.26 17.42
N GLU A 136 -15.14 -4.91 16.77
CA GLU A 136 -16.51 -5.03 17.32
C GLU A 136 -16.65 -6.26 18.20
N PRO A 137 -17.74 -6.32 18.97
CA PRO A 137 -18.02 -7.56 19.71
C PRO A 137 -17.86 -8.81 18.82
N GLY A 138 -17.17 -9.79 19.39
CA GLY A 138 -16.89 -11.05 18.72
C GLY A 138 -15.46 -11.10 18.19
N THR A 139 -14.76 -9.96 18.19
CA THR A 139 -13.40 -9.96 17.67
C THR A 139 -12.44 -10.77 18.58
N ALA A 140 -11.63 -11.62 17.97
CA ALA A 140 -10.65 -12.38 18.77
C ALA A 140 -9.65 -11.47 19.47
N PHE A 141 -9.35 -11.78 20.73
CA PHE A 141 -8.30 -11.05 21.46
C PHE A 141 -6.91 -11.27 20.83
N SER A 142 -6.77 -12.31 20.03
CA SER A 142 -5.52 -12.61 19.34
C SER A 142 -5.35 -11.82 18.05
N SER A 143 -6.36 -11.04 17.68
CA SER A 143 -6.34 -10.42 16.33
C SER A 143 -5.25 -9.41 16.16
N GLN A 144 -4.55 -9.50 15.02
CA GLN A 144 -3.58 -8.48 14.62
C GLN A 144 -4.22 -7.58 13.56
N THR A 145 -3.41 -6.93 12.71
CA THR A 145 -4.04 -6.03 11.75
C THR A 145 -4.89 -6.86 10.79
N HIS A 146 -6.11 -6.39 10.53
CA HIS A 146 -7.02 -7.18 9.70
C HIS A 146 -8.02 -6.31 8.97
N LEU A 147 -8.63 -6.91 7.96
CA LEU A 147 -9.67 -6.29 7.18
C LEU A 147 -10.99 -6.44 7.93
N VAL A 148 -11.67 -5.31 8.09
CA VAL A 148 -12.92 -5.26 8.85
C VAL A 148 -14.05 -4.85 7.93
N ASP A 149 -15.18 -5.56 8.01
CA ASP A 149 -16.37 -5.09 7.34
C ASP A 149 -17.08 -4.09 8.23
N LEU A 150 -17.25 -2.87 7.73
CA LEU A 150 -17.89 -1.79 8.52
C LEU A 150 -19.32 -2.16 8.88
N THR A 151 -19.79 -1.70 10.04
CA THR A 151 -21.16 -2.01 10.42
C THR A 151 -22.12 -1.29 9.48
N PRO A 152 -23.30 -1.87 9.26
CA PRO A 152 -24.26 -1.13 8.41
C PRO A 152 -24.63 0.26 8.91
N SER A 153 -24.68 0.45 10.23
CA SER A 153 -24.92 1.79 10.78
C SER A 153 -23.82 2.78 10.39
N THR A 154 -22.57 2.33 10.48
CA THR A 154 -21.41 3.14 10.07
C THR A 154 -21.50 3.51 8.60
N ILE A 155 -21.76 2.52 7.76
CA ILE A 155 -21.89 2.75 6.32
C ILE A 155 -23.01 3.77 6.03
N ALA A 156 -24.14 3.61 6.71
CA ALA A 156 -25.27 4.54 6.53
C ALA A 156 -24.86 5.96 6.90
N ALA A 157 -24.18 6.09 8.05
CA ALA A 157 -23.74 7.40 8.53
C ALA A 157 -22.73 8.04 7.58
N ASN A 158 -21.75 7.24 7.15
CA ASN A 158 -20.70 7.73 6.26
C ASN A 158 -21.20 8.06 4.86
N SER A 159 -22.29 7.40 4.45
CA SER A 159 -22.85 7.57 3.10
C SER A 159 -23.25 9.02 2.81
N ARG A 160 -23.60 9.75 3.87
CA ARG A 160 -24.02 11.14 3.74
C ARG A 160 -22.91 12.06 3.20
N PHE A 161 -21.67 11.56 3.18
CA PHE A 161 -20.50 12.32 2.74
C PHE A 161 -19.96 11.96 1.35
N PHE A 162 -20.66 11.10 0.61
CA PHE A 162 -20.19 10.67 -0.71
C PHE A 162 -21.23 10.88 -1.82
N GLU A 163 -20.72 11.07 -3.04
CA GLU A 163 -21.52 11.24 -4.27
C GLU A 163 -22.92 10.64 -4.29
N LYS A 164 -23.05 9.34 -4.59
CA LYS A 164 -21.95 8.46 -4.97
C LYS A 164 -21.92 7.24 -4.06
N ALA A 165 -22.94 6.38 -4.19
CA ALA A 165 -23.05 5.17 -3.34
C ALA A 165 -21.90 4.20 -3.57
N GLU A 166 -21.52 4.02 -4.84
CA GLU A 166 -20.39 3.17 -5.21
C GLU A 166 -19.07 3.62 -4.56
N ASP A 167 -19.01 4.89 -4.15
CA ASP A 167 -17.79 5.48 -3.58
C ASP A 167 -17.65 5.28 -2.06
N VAL A 168 -18.71 4.82 -1.41
CA VAL A 168 -18.68 4.71 0.04
C VAL A 168 -17.88 3.47 0.45
N PRO A 169 -16.80 3.64 1.23
CA PRO A 169 -16.08 2.47 1.73
C PRO A 169 -16.96 1.50 2.53
N LYS A 170 -16.76 0.22 2.29
CA LYS A 170 -17.48 -0.82 3.03
C LYS A 170 -16.58 -1.57 4.01
N GLN A 171 -15.29 -1.30 3.93
CA GLN A 171 -14.28 -1.97 4.75
C GLN A 171 -13.21 -1.03 5.25
N ALA A 172 -12.52 -1.47 6.29
CA ALA A 172 -11.35 -0.73 6.81
C ALA A 172 -10.21 -1.71 7.05
N ILE A 173 -8.98 -1.20 7.05
CA ILE A 173 -7.82 -1.96 7.52
C ILE A 173 -7.59 -1.44 8.90
N SER A 174 -7.57 -2.34 9.86
CA SER A 174 -7.62 -1.96 11.28
CA SER A 174 -7.61 -1.95 11.26
C SER A 174 -6.67 -2.76 12.13
N MET A 175 -5.94 -2.06 13.00
CA MET A 175 -5.21 -2.74 14.08
C MET A 175 -6.20 -3.59 14.92
N GLY A 176 -5.77 -4.82 15.22
CA GLY A 176 -6.56 -5.74 16.05
C GLY A 176 -6.34 -5.55 17.54
N LEU A 177 -7.03 -6.39 18.31
CA LEU A 177 -6.98 -6.25 19.77
C LEU A 177 -5.62 -6.65 20.33
N ALA A 178 -4.98 -7.67 19.75
CA ALA A 178 -3.61 -8.02 20.21
C ALA A 178 -2.65 -6.89 19.82
N SER A 179 -2.88 -6.31 18.63
CA SER A 179 -2.05 -5.18 18.16
C SER A 179 -2.09 -4.04 19.19
N ILE A 180 -3.30 -3.66 19.56
CA ILE A 180 -3.50 -2.51 20.44
C ILE A 180 -2.95 -2.78 21.82
N MET A 181 -3.14 -4.01 22.30
CA MET A 181 -2.63 -4.40 23.64
C MET A 181 -1.11 -4.34 23.77
N SER A 182 -0.40 -4.34 22.65
CA SER A 182 1.09 -4.31 22.71
C SER A 182 1.67 -2.97 23.22
N ALA A 183 0.87 -1.90 23.24
CA ALA A 183 1.34 -0.61 23.75
C ALA A 183 1.88 -0.74 25.16
N LYS A 184 2.95 0.00 25.47
CA LYS A 184 3.50 -0.03 26.82
C LYS A 184 2.54 0.61 27.84
N MET A 185 1.81 1.63 27.38
CA MET A 185 0.87 2.34 28.23
C MET A 185 -0.33 2.72 27.37
N ILE A 186 -1.52 2.53 27.93
CA ILE A 186 -2.74 2.91 27.22
C ILE A 186 -3.49 3.94 28.04
N LEU A 187 -3.88 5.03 27.38
CA LEU A 187 -4.72 6.03 27.99
CA LEU A 187 -4.74 6.04 28.00
C LEU A 187 -6.09 5.97 27.32
N LEU A 188 -7.08 5.47 28.04
CA LEU A 188 -8.44 5.35 27.52
C LEU A 188 -9.32 6.48 28.06
N MET A 189 -9.91 7.24 27.14
CA MET A 189 -10.73 8.38 27.52
C MET A 189 -12.17 8.04 27.21
N ALA A 190 -13.07 8.28 28.17
CA ALA A 190 -14.49 7.97 27.97
C ALA A 190 -15.36 9.07 28.56
N PHE A 191 -16.22 9.66 27.73
CA PHE A 191 -17.05 10.76 28.20
C PHE A 191 -18.52 10.59 27.82
N GLY A 192 -19.40 10.97 28.74
CA GLY A 192 -20.83 10.97 28.47
C GLY A 192 -21.59 9.72 28.90
N GLU A 193 -22.88 9.91 29.21
CA GLU A 193 -23.77 8.84 29.64
C GLU A 193 -23.78 7.68 28.64
N GLU A 194 -23.64 8.00 27.36
CA GLU A 194 -23.67 7.02 26.27
C GLU A 194 -22.57 5.96 26.40
N LYS A 195 -21.51 6.29 27.15
CA LYS A 195 -20.37 5.35 27.33
C LYS A 195 -20.41 4.58 28.67
N ALA A 196 -21.38 4.89 29.53
CA ALA A 196 -21.41 4.35 30.89
C ALA A 196 -21.53 2.83 30.94
N GLU A 197 -22.36 2.28 30.06
CA GLU A 197 -22.60 0.83 30.07
C GLU A 197 -21.33 0.11 29.59
N ALA A 198 -20.72 0.64 28.54
CA ALA A 198 -19.50 0.05 28.00
C ALA A 198 -18.35 0.11 29.02
N VAL A 199 -18.20 1.26 29.68
CA VAL A 199 -17.15 1.44 30.69
C VAL A 199 -17.31 0.44 31.84
N ALA A 200 -18.54 0.26 32.33
CA ALA A 200 -18.83 -0.71 33.38
C ALA A 200 -18.50 -2.14 32.93
N ALA A 201 -18.81 -2.46 31.68
CA ALA A 201 -18.57 -3.80 31.17
C ALA A 201 -17.08 -4.05 31.06
N MET A 202 -16.36 -3.02 30.62
CA MET A 202 -14.89 -3.09 30.47
C MET A 202 -14.22 -3.37 31.81
N VAL A 203 -14.67 -2.66 32.83
CA VAL A 203 -14.01 -2.66 34.12
C VAL A 203 -14.44 -3.84 35.01
N LYS A 204 -15.75 -4.14 35.01
CA LYS A 204 -16.34 -5.05 36.01
C LYS A 204 -16.82 -6.40 35.49
N GLY A 205 -16.97 -6.53 34.17
CA GLY A 205 -17.51 -7.74 33.57
C GLY A 205 -16.44 -8.79 33.34
N PRO A 206 -16.84 -9.97 32.84
CA PRO A 206 -15.84 -10.99 32.52
C PRO A 206 -15.00 -10.53 31.32
N VAL A 207 -13.82 -11.14 31.15
CA VAL A 207 -13.04 -10.94 29.94
C VAL A 207 -13.63 -11.88 28.87
N THR A 208 -14.24 -11.27 27.86
CA THR A 208 -14.99 -12.01 26.86
C THR A 208 -14.96 -11.20 25.58
N GLU A 209 -14.91 -11.89 24.44
CA GLU A 209 -14.88 -11.22 23.14
C GLU A 209 -16.18 -10.45 22.87
N GLU A 210 -17.25 -10.74 23.63
CA GLU A 210 -18.47 -9.98 23.50
C GLU A 210 -18.27 -8.49 23.87
N ILE A 211 -17.21 -8.23 24.64
CA ILE A 211 -16.94 -6.86 25.13
C ILE A 211 -15.47 -6.60 24.81
N PRO A 212 -15.20 -6.10 23.60
CA PRO A 212 -13.79 -5.96 23.17
C PRO A 212 -12.95 -5.24 24.23
N ALA A 213 -13.49 -4.20 24.85
CA ALA A 213 -12.70 -3.41 25.82
C ALA A 213 -12.28 -4.21 27.06
N SER A 214 -12.97 -5.33 27.32
CA SER A 214 -12.70 -6.11 28.53
C SER A 214 -11.24 -6.64 28.54
N ILE A 215 -10.63 -6.79 27.36
CA ILE A 215 -9.23 -7.25 27.31
C ILE A 215 -8.33 -6.26 28.04
N LEU A 216 -8.76 -5.02 28.15
CA LEU A 216 -7.92 -4.02 28.83
C LEU A 216 -7.76 -4.33 30.33
N GLN A 217 -8.64 -5.16 30.90
CA GLN A 217 -8.45 -5.65 32.26
C GLN A 217 -7.12 -6.34 32.46
N THR A 218 -6.55 -6.85 31.37
CA THR A 218 -5.36 -7.71 31.45
C THR A 218 -4.07 -6.98 31.07
N HIS A 219 -4.21 -5.72 30.67
CA HIS A 219 -3.07 -4.89 30.30
C HIS A 219 -2.32 -4.39 31.55
N PRO A 220 -0.96 -4.40 31.51
CA PRO A 220 -0.23 -4.00 32.70
C PRO A 220 -0.24 -2.51 33.06
N LYS A 221 -0.69 -1.64 32.14
CA LYS A 221 -0.61 -0.20 32.37
C LYS A 221 -1.65 0.55 31.56
N VAL A 222 -2.88 0.47 32.03
CA VAL A 222 -3.97 1.20 31.43
C VAL A 222 -4.45 2.25 32.40
N ILE A 223 -4.61 3.47 31.92
CA ILE A 223 -5.17 4.54 32.74
C ILE A 223 -6.48 4.97 32.08
N LEU A 224 -7.56 4.93 32.87
CA LEU A 224 -8.89 5.25 32.40
C LEU A 224 -9.20 6.67 32.87
N ILE A 225 -9.43 7.56 31.91
CA ILE A 225 -9.86 8.93 32.20
C ILE A 225 -11.34 9.01 31.82
N VAL A 226 -12.19 9.18 32.83
CA VAL A 226 -13.61 9.07 32.60
C VAL A 226 -14.33 10.25 33.31
N ASP A 227 -15.27 10.87 32.63
CA ASP A 227 -16.07 11.92 33.30
C ASP A 227 -17.14 11.29 34.18
N GLU A 228 -17.91 12.12 34.88
CA GLU A 228 -18.83 11.56 35.86
C GLU A 228 -19.92 10.71 35.21
N LYS A 229 -20.41 11.16 34.05
CA LYS A 229 -21.48 10.45 33.36
C LYS A 229 -21.02 9.12 32.78
N ALA A 230 -19.79 9.09 32.27
CA ALA A 230 -19.27 7.84 31.71
C ALA A 230 -18.84 6.87 32.81
N GLY A 231 -18.56 7.42 34.00
CA GLY A 231 -18.02 6.64 35.09
C GLY A 231 -19.08 6.21 36.09
N ALA A 232 -20.34 6.43 35.73
CA ALA A 232 -21.46 6.25 36.66
C ALA A 232 -21.56 4.82 37.20
N GLY A 233 -21.12 3.85 36.40
CA GLY A 233 -21.22 2.43 36.77
C GLY A 233 -19.99 1.82 37.40
N ILE A 234 -18.98 2.64 37.71
CA ILE A 234 -17.70 2.13 38.26
C ILE A 234 -17.21 2.84 39.52
N SER B 1 -2.07 -14.18 -33.17
CA SER B 1 -1.81 -15.57 -32.68
C SER B 1 -1.37 -15.56 -31.22
N MET B 2 -2.17 -16.21 -30.38
CA MET B 2 -1.84 -16.35 -28.95
C MET B 2 -1.90 -17.81 -28.55
N LYS B 3 -0.78 -18.29 -28.03
CA LYS B 3 -0.64 -19.63 -27.49
C LYS B 3 -0.70 -19.51 -25.98
N THR B 4 -1.28 -20.50 -25.31
CA THR B 4 -1.36 -20.45 -23.86
C THR B 4 -0.71 -21.68 -23.28
N ILE B 5 0.12 -21.46 -22.26
CA ILE B 5 0.71 -22.58 -21.50
C ILE B 5 0.24 -22.41 -20.06
N LYS B 6 -0.60 -23.34 -19.60
CA LYS B 6 -1.07 -23.30 -18.23
C LYS B 6 -0.10 -24.11 -17.36
N VAL B 7 0.28 -23.54 -16.22
CA VAL B 7 1.25 -24.16 -15.33
C VAL B 7 0.70 -24.20 -13.91
N LYS B 8 1.39 -24.90 -13.03
CA LYS B 8 0.90 -25.11 -11.67
C LYS B 8 0.94 -23.84 -10.84
N ASN B 9 2.05 -23.10 -10.97
CA ASN B 9 2.35 -21.98 -10.10
C ASN B 9 3.42 -21.11 -10.72
N LYS B 10 3.76 -20.03 -10.01
CA LYS B 10 4.74 -19.05 -10.50
C LYS B 10 6.11 -19.66 -10.74
N THR B 11 6.51 -20.58 -9.86
CA THR B 11 7.82 -21.22 -9.99
C THR B 11 7.91 -22.02 -11.29
N GLU B 12 6.89 -22.83 -11.58
CA GLU B 12 6.85 -23.61 -12.83
CA GLU B 12 6.89 -23.60 -12.82
C GLU B 12 6.79 -22.68 -14.03
N GLY B 13 5.96 -21.66 -13.93
CA GLY B 13 5.80 -20.73 -15.05
C GLY B 13 7.11 -20.02 -15.37
N SER B 14 7.86 -19.70 -14.33
CA SER B 14 9.09 -18.94 -14.51
C SER B 14 10.17 -19.82 -15.16
N LYS B 15 10.15 -21.10 -14.81
CA LYS B 15 11.04 -22.10 -15.43
C LYS B 15 10.71 -22.26 -16.91
N VAL B 16 9.42 -22.32 -17.25
CA VAL B 16 9.00 -22.37 -18.67
C VAL B 16 9.50 -21.12 -19.41
N ALA B 17 9.29 -19.95 -18.79
CA ALA B 17 9.74 -18.68 -19.39
C ALA B 17 11.25 -18.70 -19.62
N PHE B 18 11.99 -19.19 -18.63
CA PHE B 18 13.44 -19.30 -18.79
C PHE B 18 13.82 -20.14 -20.02
N ARG B 19 13.21 -21.31 -20.14
CA ARG B 19 13.53 -22.19 -21.29
C ARG B 19 13.18 -21.51 -22.60
N MET B 20 12.07 -20.77 -22.61
CA MET B 20 11.67 -20.07 -23.82
C MET B 20 12.68 -18.96 -24.17
N LEU B 21 13.15 -18.27 -23.15
CA LEU B 21 14.13 -17.21 -23.32
C LEU B 21 15.43 -17.79 -23.89
N GLU B 22 15.94 -18.87 -23.28
CA GLU B 22 17.16 -19.49 -23.79
C GLU B 22 16.98 -19.96 -25.25
N GLU B 23 15.81 -20.48 -25.58
CA GLU B 23 15.54 -20.89 -26.98
C GLU B 23 15.65 -19.71 -27.95
N GLU B 24 15.01 -18.59 -27.59
CA GLU B 24 15.02 -17.43 -28.49
C GLU B 24 16.45 -16.92 -28.69
N ILE B 25 17.24 -16.96 -27.62
CA ILE B 25 18.64 -16.55 -27.68
C ILE B 25 19.41 -17.51 -28.60
N THR B 26 19.20 -18.79 -28.41
CA THR B 26 19.85 -19.82 -29.24
C THR B 26 19.48 -19.59 -30.72
N PHE B 27 18.22 -19.21 -30.98
CA PHE B 27 17.76 -18.95 -32.35
C PHE B 27 18.12 -17.57 -32.91
N GLY B 28 18.91 -16.79 -32.14
CA GLY B 28 19.50 -15.54 -32.65
C GLY B 28 18.98 -14.21 -32.12
N ALA B 29 18.09 -14.27 -31.12
CA ALA B 29 17.54 -13.04 -30.55
C ALA B 29 18.68 -12.20 -29.98
N LYS B 30 18.68 -10.90 -30.28
CA LYS B 30 19.72 -9.99 -29.80
C LYS B 30 19.23 -8.85 -28.90
N THR B 31 17.94 -8.55 -28.95
CA THR B 31 17.41 -7.43 -28.18
C THR B 31 16.18 -7.91 -27.40
N LEU B 32 16.24 -7.72 -26.08
CA LEU B 32 15.21 -8.20 -25.18
C LEU B 32 14.51 -7.02 -24.51
N GLY B 33 13.18 -7.10 -24.47
CA GLY B 33 12.37 -6.15 -23.70
C GLY B 33 12.11 -6.77 -22.34
N LEU B 34 12.37 -5.98 -21.28
CA LEU B 34 12.29 -6.50 -19.93
C LEU B 34 11.12 -5.92 -19.14
N ALA B 35 10.81 -6.61 -18.04
CA ALA B 35 9.71 -6.25 -17.17
C ALA B 35 10.18 -5.94 -15.76
N THR B 36 9.37 -5.21 -15.02
CA THR B 36 9.66 -4.95 -13.62
C THR B 36 8.51 -5.54 -12.78
N GLY B 37 8.47 -5.22 -11.49
CA GLY B 37 7.39 -5.70 -10.61
C GLY B 37 7.69 -7.10 -10.12
N SER B 38 6.68 -7.69 -9.47
CA SER B 38 6.83 -9.03 -8.89
CA SER B 38 6.82 -9.03 -8.89
C SER B 38 6.85 -10.14 -9.94
N THR B 39 6.15 -9.93 -11.04
CA THR B 39 5.95 -11.00 -12.02
C THR B 39 7.23 -11.72 -12.46
N PRO B 40 8.27 -10.96 -12.86
CA PRO B 40 9.48 -11.61 -13.39
C PRO B 40 10.55 -12.01 -12.36
N LEU B 41 10.28 -11.84 -11.07
CA LEU B 41 11.33 -12.02 -10.06
C LEU B 41 11.97 -13.38 -10.08
N GLU B 42 11.15 -14.43 -10.23
CA GLU B 42 11.70 -15.78 -10.17
C GLU B 42 12.44 -16.11 -11.46
N LEU B 43 11.94 -15.58 -12.56
CA LEU B 43 12.63 -15.72 -13.84
C LEU B 43 14.00 -15.07 -13.76
N TYR B 44 14.05 -13.85 -13.23
CA TYR B 44 15.34 -13.17 -13.10
C TYR B 44 16.32 -13.93 -12.19
N LYS B 45 15.83 -14.47 -11.07
CA LYS B 45 16.70 -15.31 -10.22
C LYS B 45 17.25 -16.49 -11.02
N GLU B 46 16.39 -17.18 -11.78
CA GLU B 46 16.89 -18.31 -12.57
C GLU B 46 17.96 -17.85 -13.57
N ILE B 47 17.74 -16.67 -14.18
CA ILE B 47 18.72 -16.14 -15.12
C ILE B 47 20.06 -15.84 -14.44
N ARG B 48 20.00 -15.16 -13.29
CA ARG B 48 21.23 -14.83 -12.54
C ARG B 48 22.05 -16.07 -12.26
N GLU B 49 21.36 -17.19 -12.03
CA GLU B 49 22.00 -18.45 -11.62
C GLU B 49 22.37 -19.38 -12.78
N SER B 50 22.08 -18.92 -14.01
CA SER B 50 22.19 -19.72 -15.23
C SER B 50 23.51 -19.46 -15.96
N HIS B 51 23.69 -20.15 -17.10
CA HIS B 51 24.85 -19.91 -17.96
C HIS B 51 24.59 -18.90 -19.09
N LEU B 52 23.43 -18.22 -19.03
CA LEU B 52 23.11 -17.26 -20.09
C LEU B 52 24.17 -16.16 -20.09
N ASP B 53 24.42 -15.62 -21.27
CA ASP B 53 25.45 -14.62 -21.44
C ASP B 53 24.86 -13.56 -22.33
N PHE B 54 24.68 -12.35 -21.79
CA PHE B 54 24.05 -11.27 -22.52
C PHE B 54 25.04 -10.29 -23.13
N SER B 55 26.32 -10.65 -23.15
CA SER B 55 27.36 -9.70 -23.51
C SER B 55 27.29 -9.19 -24.96
N ASP B 56 26.56 -9.90 -25.83
CA ASP B 56 26.36 -9.42 -27.19
C ASP B 56 24.93 -8.95 -27.43
N MET B 57 24.21 -8.72 -26.33
CA MET B 57 22.79 -8.37 -26.45
C MET B 57 22.45 -6.99 -25.89
N VAL B 58 21.30 -6.48 -26.33
CA VAL B 58 20.79 -5.21 -25.83
C VAL B 58 19.51 -5.47 -25.03
N SER B 59 19.33 -4.76 -23.93
CA SER B 59 18.05 -4.83 -23.20
C SER B 59 17.38 -3.47 -23.24
N ILE B 60 16.05 -3.50 -23.23
CA ILE B 60 15.27 -2.28 -23.19
C ILE B 60 14.16 -2.46 -22.18
N ASN B 61 14.09 -1.54 -21.22
CA ASN B 61 13.03 -1.55 -20.21
C ASN B 61 11.95 -0.54 -20.57
N LEU B 62 10.77 -0.72 -19.98
CA LEU B 62 9.60 0.04 -20.40
C LEU B 62 9.53 1.45 -19.80
N ASP B 63 10.00 1.56 -18.55
CA ASP B 63 9.64 2.73 -17.71
C ASP B 63 10.77 3.26 -16.85
N GLU B 64 10.69 4.55 -16.52
CA GLU B 64 11.44 5.06 -15.37
C GLU B 64 10.64 6.19 -14.74
N TYR B 65 10.74 6.33 -13.43
CA TYR B 65 10.13 7.47 -12.75
C TYR B 65 10.85 8.77 -13.04
N VAL B 66 10.07 9.80 -13.35
CA VAL B 66 10.66 11.11 -13.55
C VAL B 66 11.33 11.61 -12.25
N GLY B 67 12.57 12.03 -12.37
CA GLY B 67 13.31 12.53 -11.21
C GLY B 67 14.23 11.53 -10.53
N LEU B 68 14.17 10.27 -10.96
CA LEU B 68 15.02 9.23 -10.39
C LEU B 68 16.06 8.71 -11.38
N SER B 69 17.15 8.19 -10.82
CA SER B 69 18.17 7.52 -11.65
C SER B 69 18.60 6.26 -10.94
N ALA B 70 19.56 5.55 -11.55
CA ALA B 70 20.11 4.34 -10.93
C ALA B 70 20.70 4.62 -9.54
N ASP B 71 21.01 5.88 -9.25
CA ASP B 71 21.52 6.36 -7.93
C ASP B 71 20.45 6.23 -6.84
N ASP B 72 19.18 6.18 -7.24
CA ASP B 72 18.07 6.10 -6.31
C ASP B 72 17.59 4.67 -6.12
N LYS B 73 17.49 4.23 -4.86
CA LYS B 73 17.06 2.85 -4.59
C LYS B 73 15.64 2.58 -5.07
N GLN B 74 14.88 3.65 -5.29
CA GLN B 74 13.47 3.52 -5.66
C GLN B 74 13.27 3.42 -7.18
N SER B 75 14.35 3.56 -7.95
CA SER B 75 14.19 3.61 -9.42
C SER B 75 14.05 2.22 -10.05
N TYR B 76 13.48 2.17 -11.26
CA TYR B 76 13.50 0.90 -11.98
C TYR B 76 14.93 0.51 -12.41
N ALA B 77 15.79 1.50 -12.68
CA ALA B 77 17.16 1.18 -13.03
C ALA B 77 17.82 0.42 -11.87
N TYR B 78 17.58 0.86 -10.63
CA TYR B 78 18.17 0.17 -9.48
C TYR B 78 17.59 -1.24 -9.34
N PHE B 79 16.29 -1.36 -9.52
CA PHE B 79 15.62 -2.66 -9.48
C PHE B 79 16.27 -3.60 -10.50
N MET B 80 16.49 -3.10 -11.71
CA MET B 80 17.06 -3.98 -12.74
C MET B 80 18.50 -4.36 -12.45
N LYS B 81 19.26 -3.45 -11.85
CA LYS B 81 20.65 -3.79 -11.49
C LYS B 81 20.65 -4.92 -10.45
N GLN B 82 19.85 -4.74 -9.41
CA GLN B 82 19.80 -5.69 -8.30
CA GLN B 82 19.80 -5.68 -8.31
C GLN B 82 19.28 -7.05 -8.74
N ASN B 83 18.27 -7.04 -9.61
CA ASN B 83 17.62 -8.30 -10.00
C ASN B 83 18.22 -8.98 -11.23
N LEU B 84 19.05 -8.27 -12.00
CA LEU B 84 19.55 -8.87 -13.25
C LEU B 84 20.92 -8.39 -13.69
N PHE B 85 21.12 -7.07 -13.82
CA PHE B 85 22.31 -6.59 -14.55
C PHE B 85 23.63 -6.74 -13.79
N ALA B 86 23.57 -6.69 -12.45
CA ALA B 86 24.78 -6.88 -11.66
C ALA B 86 25.39 -8.26 -11.95
N ALA B 87 24.52 -9.28 -11.99
CA ALA B 87 24.94 -10.66 -12.24
C ALA B 87 25.16 -10.93 -13.73
N LYS B 88 24.28 -10.37 -14.56
CA LYS B 88 24.25 -10.69 -15.99
C LYS B 88 24.12 -9.41 -16.84
N PRO B 89 25.24 -8.67 -16.99
CA PRO B 89 25.17 -7.42 -17.75
C PRO B 89 24.99 -7.64 -19.26
N PHE B 90 24.29 -6.70 -19.89
CA PHE B 90 24.14 -6.68 -21.34
C PHE B 90 25.22 -5.83 -21.99
N LYS B 91 25.36 -5.97 -23.31
CA LYS B 91 26.25 -5.05 -24.04
C LYS B 91 25.81 -3.60 -23.76
N LYS B 92 24.50 -3.38 -23.78
CA LYS B 92 23.90 -2.08 -23.45
C LYS B 92 22.51 -2.32 -22.91
N SER B 93 22.16 -1.65 -21.82
CA SER B 93 20.82 -1.70 -21.26
C SER B 93 20.21 -0.33 -21.22
N TYR B 94 19.07 -0.20 -21.90
CA TYR B 94 18.38 1.07 -21.99
C TYR B 94 17.23 1.12 -20.98
N LEU B 95 17.10 2.25 -20.30
CA LEU B 95 15.88 2.61 -19.57
C LEU B 95 15.63 4.08 -19.87
N PRO B 96 14.39 4.52 -19.80
CA PRO B 96 14.17 5.97 -19.91
C PRO B 96 14.98 6.73 -18.87
N ASN B 97 15.46 7.92 -19.26
CA ASN B 97 16.26 8.73 -18.38
C ASN B 97 15.38 9.67 -17.57
N GLY B 98 15.16 9.31 -16.31
CA GLY B 98 14.29 10.13 -15.43
C GLY B 98 14.87 11.47 -15.09
N LEU B 99 16.16 11.63 -15.36
CA LEU B 99 16.83 12.91 -15.12
C LEU B 99 16.96 13.75 -16.38
N ALA B 100 16.36 13.31 -17.49
CA ALA B 100 16.42 14.11 -18.73
C ALA B 100 16.00 15.57 -18.49
N ALA B 101 16.75 16.50 -19.07
CA ALA B 101 16.46 17.92 -18.89
C ALA B 101 15.22 18.36 -19.67
N ASP B 102 14.91 17.65 -20.75
CA ASP B 102 13.76 17.95 -21.58
C ASP B 102 13.03 16.63 -21.82
N LEU B 103 11.89 16.46 -21.15
CA LEU B 103 11.18 15.17 -21.19
C LEU B 103 10.63 14.84 -22.58
N ALA B 104 10.25 15.87 -23.36
CA ALA B 104 9.80 15.61 -24.74
C ALA B 104 10.95 15.10 -25.60
N LYS B 105 12.15 15.64 -25.42
CA LYS B 105 13.30 15.14 -26.15
C LYS B 105 13.59 13.70 -25.73
N GLU B 106 13.37 13.40 -24.45
CA GLU B 106 13.61 12.02 -23.98
C GLU B 106 12.61 11.02 -24.56
N THR B 107 11.32 11.37 -24.62
CA THR B 107 10.36 10.44 -25.21
C THR B 107 10.65 10.23 -26.71
N GLU B 108 11.01 11.29 -27.40
CA GLU B 108 11.40 11.16 -28.81
C GLU B 108 12.63 10.26 -28.97
N TYR B 109 13.64 10.51 -28.14
CA TYR B 109 14.84 9.67 -28.12
C TYR B 109 14.53 8.18 -27.88
N TYR B 110 13.65 7.92 -26.94
CA TYR B 110 13.32 6.52 -26.62
C TYR B 110 12.64 5.82 -27.78
N ASP B 111 11.72 6.53 -28.45
CA ASP B 111 11.14 6.02 -29.69
C ASP B 111 12.22 5.70 -30.72
N GLN B 112 13.24 6.56 -30.84
CA GLN B 112 14.29 6.29 -31.81
CA GLN B 112 14.39 6.38 -31.76
C GLN B 112 15.17 5.12 -31.40
N ILE B 113 15.34 4.90 -30.10
CA ILE B 113 16.08 3.72 -29.63
C ILE B 113 15.34 2.44 -30.04
N LEU B 114 14.01 2.46 -29.85
CA LEU B 114 13.20 1.30 -30.21
C LEU B 114 13.27 1.04 -31.73
N ALA B 115 13.36 2.12 -32.53
CA ALA B 115 13.49 1.95 -33.98
C ALA B 115 14.86 1.35 -34.35
N GLN B 116 15.89 1.77 -33.61
CA GLN B 116 17.26 1.32 -33.88
CA GLN B 116 17.25 1.32 -33.88
C GLN B 116 17.48 -0.11 -33.40
N TYR B 117 16.81 -0.45 -32.30
CA TYR B 117 16.94 -1.77 -31.66
C TYR B 117 15.58 -2.46 -31.49
N PRO B 118 14.95 -2.86 -32.62
CA PRO B 118 13.65 -3.52 -32.47
C PRO B 118 13.76 -4.74 -31.58
N ILE B 119 12.79 -4.87 -30.69
CA ILE B 119 12.80 -5.95 -29.70
C ILE B 119 12.42 -7.31 -30.26
N ASP B 120 13.29 -8.29 -30.04
CA ASP B 120 13.02 -9.66 -30.50
C ASP B 120 12.04 -10.40 -29.59
N LEU B 121 12.23 -10.22 -28.28
CA LEU B 121 11.40 -10.92 -27.33
C LEU B 121 11.15 -9.93 -26.20
N GLN B 122 9.87 -9.66 -25.93
CA GLN B 122 9.47 -8.83 -24.80
C GLN B 122 8.86 -9.68 -23.72
N ILE B 123 9.36 -9.52 -22.50
CA ILE B 123 8.78 -10.15 -21.31
C ILE B 123 7.82 -9.17 -20.69
N LEU B 124 6.62 -9.64 -20.39
CA LEU B 124 5.58 -8.75 -19.89
C LEU B 124 4.77 -9.38 -18.78
N GLY B 125 4.30 -8.56 -17.85
CA GLY B 125 3.25 -8.97 -16.91
C GLY B 125 1.98 -8.21 -17.23
N ILE B 126 0.93 -8.50 -16.46
CA ILE B 126 -0.36 -7.86 -16.66
C ILE B 126 -0.87 -7.33 -15.31
N GLY B 127 -1.44 -6.13 -15.30
CA GLY B 127 -1.96 -5.58 -14.06
C GLY B 127 -3.28 -6.21 -13.62
N ARG B 128 -3.65 -6.02 -12.35
CA ARG B 128 -4.97 -6.47 -11.88
C ARG B 128 -6.11 -5.88 -12.72
N ASN B 129 -5.90 -4.65 -13.20
CA ASN B 129 -6.91 -3.97 -14.03
C ASN B 129 -6.58 -4.08 -15.53
N ALA B 130 -5.73 -5.05 -15.88
CA ALA B 130 -5.33 -5.30 -17.27
C ALA B 130 -4.37 -4.24 -17.85
N HIS B 131 -3.82 -3.40 -17.00
CA HIS B 131 -2.76 -2.54 -17.45
C HIS B 131 -1.55 -3.28 -18.00
N ILE B 132 -0.82 -2.62 -18.89
CA ILE B 132 0.41 -3.14 -19.44
C ILE B 132 1.46 -2.06 -19.27
N GLY B 133 2.53 -2.40 -18.54
CA GLY B 133 3.49 -1.36 -18.13
C GLY B 133 2.76 -0.28 -17.32
N PHE B 134 3.02 0.99 -17.64
CA PHE B 134 2.28 2.08 -17.00
C PHE B 134 1.10 2.56 -17.84
N ASN B 135 0.70 1.74 -18.82
CA ASN B 135 -0.44 2.04 -19.69
C ASN B 135 -1.73 1.55 -19.03
N GLU B 136 -2.45 2.51 -18.45
CA GLU B 136 -3.70 2.26 -17.73
C GLU B 136 -4.89 2.23 -18.69
N PRO B 137 -6.04 1.71 -18.21
CA PRO B 137 -7.29 1.84 -18.97
C PRO B 137 -7.47 3.25 -19.51
N GLY B 138 -7.80 3.34 -20.80
CA GLY B 138 -7.96 4.63 -21.44
C GLY B 138 -6.81 5.00 -22.36
N THR B 139 -5.67 4.30 -22.24
CA THR B 139 -4.49 4.62 -23.06
C THR B 139 -4.73 4.24 -24.52
N ALA B 140 -4.42 5.16 -25.43
CA ALA B 140 -4.62 4.86 -26.84
C ALA B 140 -3.72 3.71 -27.30
N PHE B 141 -4.26 2.84 -28.14
CA PHE B 141 -3.44 1.77 -28.73
C PHE B 141 -2.33 2.33 -29.67
N SER B 142 -2.47 3.57 -30.10
CA SER B 142 -1.46 4.23 -30.92
C SER B 142 -0.31 4.84 -30.12
N SER B 143 -0.40 4.79 -28.78
CA SER B 143 0.57 5.51 -27.95
C SER B 143 2.00 5.00 -28.12
N GLN B 144 2.94 5.95 -28.23
CA GLN B 144 4.38 5.63 -28.22
C GLN B 144 4.94 6.02 -26.86
N THR B 145 6.25 6.28 -26.76
CA THR B 145 6.79 6.65 -25.45
C THR B 145 6.21 7.98 -24.98
N HIS B 146 5.69 7.98 -23.76
CA HIS B 146 4.99 9.18 -23.27
C HIS B 146 5.12 9.36 -21.78
N LEU B 147 4.84 10.59 -21.34
CA LEU B 147 4.80 10.95 -19.94
C LEU B 147 3.47 10.46 -19.36
N VAL B 148 3.55 9.73 -18.26
CA VAL B 148 2.36 9.23 -17.56
C VAL B 148 2.23 9.89 -16.20
N ASP B 149 1.02 10.34 -15.88
CA ASP B 149 0.74 10.83 -14.56
C ASP B 149 0.33 9.64 -13.72
N LEU B 150 1.13 9.34 -12.72
CA LEU B 150 0.89 8.19 -11.88
C LEU B 150 -0.45 8.27 -11.15
N THR B 151 -1.01 7.10 -10.98
CA THR B 151 -2.28 6.90 -10.33
C THR B 151 -2.14 7.10 -8.80
N PRO B 152 -3.22 7.53 -8.13
CA PRO B 152 -3.16 7.65 -6.67
C PRO B 152 -2.64 6.37 -5.97
N SER B 153 -3.09 5.20 -6.45
CA SER B 153 -2.62 3.92 -5.90
CA SER B 153 -2.65 3.93 -5.90
C SER B 153 -1.13 3.72 -6.05
N THR B 154 -0.58 4.07 -7.23
CA THR B 154 0.84 3.90 -7.44
C THR B 154 1.63 4.81 -6.52
N ILE B 155 1.19 6.05 -6.41
CA ILE B 155 1.86 7.03 -5.57
C ILE B 155 1.80 6.57 -4.12
N ALA B 156 0.62 6.12 -3.71
CA ALA B 156 0.42 5.62 -2.34
C ALA B 156 1.36 4.45 -2.04
N ALA B 157 1.49 3.53 -2.99
CA ALA B 157 2.34 2.36 -2.81
C ALA B 157 3.79 2.77 -2.76
N ASN B 158 4.20 3.70 -3.62
CA ASN B 158 5.61 4.09 -3.70
C ASN B 158 6.09 4.97 -2.56
N SER B 159 5.16 5.69 -1.96
CA SER B 159 5.46 6.66 -0.90
C SER B 159 6.12 5.98 0.30
N ARG B 160 5.84 4.69 0.46
CA ARG B 160 6.36 3.88 1.57
CA ARG B 160 6.38 3.83 1.52
C ARG B 160 7.90 3.84 1.53
N PHE B 161 8.47 4.12 0.37
CA PHE B 161 9.89 3.92 0.15
C PHE B 161 10.71 5.21 0.10
N PHE B 162 10.05 6.33 0.38
CA PHE B 162 10.67 7.62 0.56
C PHE B 162 10.34 7.88 2.06
N GLU B 163 11.30 8.12 2.92
CA GLU B 163 12.14 9.30 2.92
C GLU B 163 11.14 10.46 3.26
N LYS B 164 10.97 11.41 2.34
CA LYS B 164 10.01 12.52 2.49
C LYS B 164 8.95 12.47 1.39
N ALA B 165 7.70 12.79 1.75
CA ALA B 165 6.59 12.79 0.78
C ALA B 165 6.87 13.67 -0.45
N GLU B 166 7.54 14.80 -0.24
CA GLU B 166 7.89 15.74 -1.31
C GLU B 166 8.76 15.09 -2.41
N ASP B 167 9.49 14.04 -2.06
CA ASP B 167 10.41 13.39 -3.00
C ASP B 167 9.76 12.29 -3.84
N VAL B 168 8.51 11.97 -3.56
CA VAL B 168 7.86 10.86 -4.29
C VAL B 168 7.50 11.29 -5.73
N PRO B 169 8.06 10.59 -6.74
CA PRO B 169 7.70 10.94 -8.13
C PRO B 169 6.22 10.84 -8.41
N LYS B 170 5.74 11.81 -9.19
CA LYS B 170 4.35 11.84 -9.60
C LYS B 170 4.15 11.43 -11.08
N GLN B 171 5.25 11.26 -11.81
CA GLN B 171 5.19 10.94 -13.26
C GLN B 171 6.23 9.89 -13.60
N ALA B 172 5.95 9.18 -14.69
CA ALA B 172 6.93 8.24 -15.25
C ALA B 172 7.07 8.54 -16.73
N ILE B 173 8.20 8.12 -17.30
CA ILE B 173 8.35 8.07 -18.77
C ILE B 173 8.14 6.62 -19.12
N SER B 174 7.22 6.34 -20.05
CA SER B 174 6.78 4.98 -20.27
CA SER B 174 6.75 4.98 -20.26
C SER B 174 6.59 4.63 -21.74
N MET B 175 7.11 3.48 -22.14
CA MET B 175 6.76 2.93 -23.46
C MET B 175 5.24 2.80 -23.57
N GLY B 176 4.72 3.17 -24.75
CA GLY B 176 3.28 3.09 -25.01
C GLY B 176 2.87 1.74 -25.55
N LEU B 177 1.58 1.63 -25.83
CA LEU B 177 1.05 0.33 -26.28
C LEU B 177 1.50 0.00 -27.72
N ALA B 178 1.56 1.02 -28.58
CA ALA B 178 2.10 0.80 -29.92
C ALA B 178 3.58 0.42 -29.86
N SER B 179 4.33 1.09 -28.97
CA SER B 179 5.74 0.75 -28.69
C SER B 179 5.88 -0.73 -28.36
N ILE B 180 5.11 -1.15 -27.37
CA ILE B 180 5.24 -2.51 -26.82
C ILE B 180 4.87 -3.55 -27.87
N MET B 181 3.87 -3.22 -28.68
CA MET B 181 3.36 -4.14 -29.71
C MET B 181 4.35 -4.44 -30.82
N SER B 182 5.35 -3.59 -30.94
CA SER B 182 6.36 -3.74 -32.00
C SER B 182 7.30 -4.93 -31.80
N ALA B 183 7.32 -5.49 -30.59
CA ALA B 183 8.16 -6.66 -30.35
C ALA B 183 7.82 -7.80 -31.31
N LYS B 184 8.82 -8.56 -31.75
CA LYS B 184 8.56 -9.68 -32.67
C LYS B 184 7.78 -10.79 -31.95
N MET B 185 8.05 -10.95 -30.65
CA MET B 185 7.46 -12.00 -29.84
C MET B 185 7.25 -11.42 -28.43
N ILE B 186 6.09 -11.70 -27.87
CA ILE B 186 5.76 -11.30 -26.52
C ILE B 186 5.50 -12.52 -25.66
N LEU B 187 6.14 -12.56 -24.50
CA LEU B 187 5.90 -13.58 -23.50
C LEU B 187 5.23 -12.89 -22.33
N LEU B 188 3.94 -13.16 -22.15
CA LEU B 188 3.18 -12.57 -21.05
C LEU B 188 3.00 -13.58 -19.96
N MET B 189 3.38 -13.20 -18.74
CA MET B 189 3.31 -14.10 -17.58
C MET B 189 2.26 -13.55 -16.62
N ALA B 190 1.39 -14.42 -16.09
CA ALA B 190 0.36 -13.99 -15.14
C ALA B 190 0.14 -15.08 -14.10
N PHE B 191 0.29 -14.69 -12.84
CA PHE B 191 0.15 -15.61 -11.72
C PHE B 191 -0.79 -15.10 -10.66
N GLY B 192 -1.63 -16.01 -10.15
CA GLY B 192 -2.50 -15.69 -9.02
C GLY B 192 -3.93 -15.31 -9.37
N GLU B 193 -4.83 -15.61 -8.43
CA GLU B 193 -6.24 -15.29 -8.58
C GLU B 193 -6.46 -13.81 -8.95
N GLU B 194 -5.61 -12.94 -8.42
CA GLU B 194 -5.76 -11.50 -8.59
C GLU B 194 -5.61 -11.06 -10.05
N LYS B 195 -5.05 -11.94 -10.89
CA LYS B 195 -4.92 -11.63 -12.32
C LYS B 195 -6.00 -12.30 -13.20
N ALA B 196 -6.85 -13.12 -12.62
CA ALA B 196 -7.76 -13.92 -13.43
C ALA B 196 -8.73 -13.07 -14.25
N GLU B 197 -9.23 -12.00 -13.65
CA GLU B 197 -10.22 -11.17 -14.34
C GLU B 197 -9.56 -10.44 -15.50
N ALA B 198 -8.34 -9.94 -15.25
CA ALA B 198 -7.58 -9.26 -16.32
C ALA B 198 -7.21 -10.21 -17.47
N VAL B 199 -6.75 -11.40 -17.12
CA VAL B 199 -6.38 -12.38 -18.14
C VAL B 199 -7.58 -12.73 -19.01
N ALA B 200 -8.75 -12.93 -18.38
CA ALA B 200 -9.93 -13.31 -19.15
C ALA B 200 -10.33 -12.16 -20.07
N ALA B 201 -10.27 -10.94 -19.56
CA ALA B 201 -10.64 -9.78 -20.37
C ALA B 201 -9.67 -9.61 -21.52
N MET B 202 -8.37 -9.83 -21.26
CA MET B 202 -7.35 -9.77 -22.31
C MET B 202 -7.63 -10.74 -23.45
N VAL B 203 -7.97 -11.96 -23.08
CA VAL B 203 -8.11 -13.06 -24.02
C VAL B 203 -9.46 -13.12 -24.70
N LYS B 204 -10.54 -12.90 -23.93
CA LYS B 204 -11.92 -13.20 -24.39
C LYS B 204 -12.78 -11.97 -24.66
N GLY B 205 -12.33 -10.83 -24.15
CA GLY B 205 -13.15 -9.63 -24.21
C GLY B 205 -12.98 -8.87 -25.50
N PRO B 206 -13.75 -7.77 -25.66
CA PRO B 206 -13.59 -6.92 -26.85
C PRO B 206 -12.21 -6.25 -26.82
N VAL B 207 -11.74 -5.85 -27.99
CA VAL B 207 -10.52 -5.03 -28.07
C VAL B 207 -10.91 -3.57 -27.82
N THR B 208 -10.46 -3.04 -26.68
CA THR B 208 -10.93 -1.74 -26.21
C THR B 208 -9.84 -1.13 -25.34
N GLU B 209 -9.68 0.20 -25.42
CA GLU B 209 -8.69 0.89 -24.58
C GLU B 209 -8.99 0.73 -23.08
N GLU B 210 -10.23 0.36 -22.76
CA GLU B 210 -10.59 0.10 -21.36
C GLU B 210 -9.81 -1.06 -20.76
N ILE B 211 -9.28 -1.92 -21.65
CA ILE B 211 -8.55 -3.13 -21.22
C ILE B 211 -7.25 -3.09 -22.02
N PRO B 212 -6.23 -2.39 -21.50
CA PRO B 212 -5.00 -2.18 -22.28
C PRO B 212 -4.45 -3.50 -22.85
N ALA B 213 -4.48 -4.56 -22.05
CA ALA B 213 -3.95 -5.86 -22.50
C ALA B 213 -4.69 -6.47 -23.72
N SER B 214 -5.93 -6.03 -23.97
CA SER B 214 -6.73 -6.59 -25.07
C SER B 214 -6.07 -6.38 -26.41
N ILE B 215 -5.19 -5.38 -26.51
CA ILE B 215 -4.50 -5.14 -27.79
C ILE B 215 -3.64 -6.35 -28.17
N LEU B 216 -3.24 -7.15 -27.17
CA LEU B 216 -2.39 -8.30 -27.44
C LEU B 216 -3.15 -9.36 -28.28
N GLN B 217 -4.48 -9.25 -28.35
CA GLN B 217 -5.26 -10.15 -29.22
C GLN B 217 -4.86 -10.02 -30.69
N THR B 218 -4.28 -8.87 -31.01
CA THR B 218 -4.01 -8.49 -32.40
C THR B 218 -2.53 -8.65 -32.74
N HIS B 219 -1.75 -9.09 -31.76
CA HIS B 219 -0.30 -9.32 -31.97
C HIS B 219 -0.07 -10.67 -32.62
N PRO B 220 0.87 -10.73 -33.58
CA PRO B 220 1.08 -11.96 -34.33
C PRO B 220 1.77 -13.10 -33.57
N LYS B 221 2.40 -12.82 -32.42
CA LYS B 221 3.10 -13.87 -31.71
C LYS B 221 3.20 -13.61 -30.22
N VAL B 222 2.12 -13.95 -29.50
CA VAL B 222 2.07 -13.85 -28.04
C VAL B 222 1.98 -15.24 -27.43
N ILE B 223 2.84 -15.50 -26.44
CA ILE B 223 2.75 -16.70 -25.63
C ILE B 223 2.33 -16.24 -24.24
N LEU B 224 1.24 -16.83 -23.75
CA LEU B 224 0.74 -16.54 -22.41
C LEU B 224 1.12 -17.71 -21.50
N ILE B 225 1.84 -17.40 -20.43
CA ILE B 225 2.16 -18.38 -19.40
C ILE B 225 1.33 -18.00 -18.18
N VAL B 226 0.39 -18.85 -17.79
CA VAL B 226 -0.52 -18.51 -16.68
C VAL B 226 -0.57 -19.68 -15.75
N ASP B 227 -0.56 -19.43 -14.46
CA ASP B 227 -0.86 -20.51 -13.53
C ASP B 227 -2.36 -20.81 -13.47
N GLU B 228 -2.72 -21.90 -12.82
CA GLU B 228 -4.12 -22.32 -12.81
C GLU B 228 -5.06 -21.24 -12.28
N LYS B 229 -4.62 -20.52 -11.26
CA LYS B 229 -5.44 -19.47 -10.63
C LYS B 229 -5.65 -18.25 -11.55
N ALA B 230 -4.58 -17.80 -12.21
CA ALA B 230 -4.67 -16.68 -13.14
C ALA B 230 -5.40 -17.08 -14.42
N GLY B 231 -5.36 -18.37 -14.73
CA GLY B 231 -5.98 -18.93 -15.93
C GLY B 231 -7.41 -19.40 -15.76
N ALA B 232 -8.02 -19.12 -14.60
CA ALA B 232 -9.35 -19.69 -14.28
C ALA B 232 -10.48 -19.24 -15.20
N GLY B 233 -10.35 -18.07 -15.82
CA GLY B 233 -11.40 -17.56 -16.71
C GLY B 233 -11.17 -17.90 -18.17
N ILE B 234 -10.12 -18.68 -18.44
CA ILE B 234 -9.77 -19.10 -19.79
C ILE B 234 -9.46 -20.61 -19.78
C1 BTB C . 5.67 8.87 33.25
O1 BTB C . 6.75 9.41 32.50
C2 BTB C . 6.11 7.94 34.37
C3 BTB C . 7.53 7.42 34.15
O3 BTB C . 7.91 6.47 35.15
C4 BTB C . 5.20 6.72 34.39
O4 BTB C . 4.07 6.83 33.51
N BTB C . 6.01 8.79 35.58
C5 BTB C . 7.17 9.60 36.00
C6 BTB C . 7.98 8.97 37.13
O6 BTB C . 7.12 8.59 38.21
C7 BTB C . 4.74 8.93 36.30
C8 BTB C . 4.58 7.85 37.37
O8 BTB C . 3.67 6.85 36.89
NA NA D . 19.34 15.65 -20.24
NA NA E . 17.34 6.83 -21.92
C1 BTB F . 17.22 12.83 -24.69
O1 BTB F . 16.87 13.14 -23.34
C2 BTB F . 18.69 13.12 -25.00
C3 BTB F . 18.98 14.62 -24.84
O3 BTB F . 18.24 15.44 -25.76
C4 BTB F . 18.87 12.71 -26.45
O4 BTB F . 20.24 12.87 -26.90
N BTB F . 19.64 12.27 -24.22
C5 BTB F . 19.35 10.83 -24.20
C6 BTB F . 19.58 10.10 -22.87
O6 BTB F . 18.68 10.64 -21.92
C7 BTB F . 20.98 12.74 -23.80
C8 BTB F . 20.96 13.89 -22.81
O8 BTB F . 20.39 13.43 -21.58
#